data_2J7Q
#
_entry.id   2J7Q
#
_cell.length_a   40.907
_cell.length_b   57.298
_cell.length_c   67.279
_cell.angle_alpha   73.37
_cell.angle_beta   85.37
_cell.angle_gamma   88.54
#
_symmetry.space_group_name_H-M   'P 1'
#
loop_
_entity.id
_entity.type
_entity.pdbx_description
1 polymer 'MCMV TEGUMENT PROTEIN M48 ENCODED UBIQUITIN- SPECIFIC PROTEASE, M48USP'
2 polymer UBIQUITIN
3 polymer 'MCMV TEGUMENT PROTEIN M48 ENCODED UBIQUITIN- SPECIFIC PROTEASE, M48USP'
4 non-polymer 'MAGNESIUM ION'
5 non-polymer 'METHYL 4-AMINOBUTANOATE'
6 non-polymer 'TETRAETHYLENE GLYCOL'
7 non-polymer GLYCEROL
8 water water
#
loop_
_entity_poly.entity_id
_entity_poly.type
_entity_poly.pdbx_seq_one_letter_code
_entity_poly.pdbx_strand_id
1 'polypeptide(L)'
;(MSE)KIVRASRDQSAPVYGPRAGSQC(MSE)SNCFTFLHTCYL(MSE)GIDPVLDTTSLDAVLDSGARLDAIADEKVKR
QALTDHPYRLGTEIPTVIETPAGITGHALSRPFNGTAETQDLGGYKCLGILDFLTYARGKPLPVYIIVTVGVHTRGVIVA
RGATYVFDPHTTDLSAEAAVYVCDDFTEAISALSFFTE(MSE)IGDFYYDAVLVYFTRCRTTLISPSELLVQI(MSE)DQ
YKDPDIDASV(MSE)S
;
A
2 'polypeptide(L)' MQIFVKTLTGKTITLEVEPSDTIENVKAKIQDKEGIPPDQQRLIFAGKQLEDGRTLSDYNIQKESTLHLVLRLRG B,D
3 'polypeptide(L)'
;(MSE)KIVRASRDQSAPVYGPRAGSQC(MSE)SNCFTFLHTCYL(MSE)GIDPVLDTTSLDAVLDSGARLDAIADEKVKR
QALTDHPYRLGTEIPTVIETPAGITGHALSRPFNGTAETQDLGGYKCLGILDFLTYARGKPLPVYIIVTVGVFTRGVIVA
RGATYVFDPHTTDLSAEAAVYVCDDFTEAISALSFFTE(MSE)IGDFYYDAVLVYFTRCRTTLISPSELLVQI(MSE)DQ
YKDPDIDASV(MSE)S
;
C
#
# COMPACT_ATOMS: atom_id res chain seq x y z
N LYS A 2 -17.35 5.85 -27.11
CA LYS A 2 -18.34 6.78 -26.57
C LYS A 2 -18.33 6.72 -25.06
N ILE A 3 -18.79 7.79 -24.42
CA ILE A 3 -18.71 7.93 -22.98
C ILE A 3 -20.07 8.32 -22.41
N VAL A 4 -20.44 7.68 -21.32
CA VAL A 4 -21.67 8.02 -20.59
C VAL A 4 -21.29 8.31 -19.14
N ARG A 5 -21.59 9.52 -18.65
CA ARG A 5 -21.08 9.98 -17.35
C ARG A 5 -22.14 10.12 -16.28
N ALA A 6 -21.75 9.85 -15.05
CA ALA A 6 -22.51 10.16 -13.84
C ALA A 6 -22.38 11.64 -13.61
N SER A 7 -22.93 12.14 -12.51
CA SER A 7 -22.87 13.56 -12.23
C SER A 7 -21.76 13.86 -11.21
N ARG A 8 -21.15 12.78 -10.69
CA ARG A 8 -20.02 12.89 -9.78
C ARG A 8 -19.06 11.70 -9.92
N ASP A 9 -17.95 11.74 -9.22
CA ASP A 9 -17.14 10.54 -9.08
C ASP A 9 -17.18 10.03 -7.64
N GLN A 10 -16.52 8.90 -7.42
CA GLN A 10 -16.62 8.19 -6.16
C GLN A 10 -15.98 8.98 -4.99
N SER A 11 -15.17 9.99 -5.29
CA SER A 11 -14.51 10.74 -4.23
C SER A 11 -15.39 11.87 -3.66
N ALA A 12 -16.57 12.07 -4.25
CA ALA A 12 -17.51 13.07 -3.78
C ALA A 12 -17.74 12.94 -2.27
N PRO A 13 -17.67 14.07 -1.53
CA PRO A 13 -17.85 14.01 -0.06
C PRO A 13 -19.20 13.43 0.40
N VAL A 14 -20.21 13.42 -0.46
CA VAL A 14 -21.49 12.80 -0.10
C VAL A 14 -21.36 11.30 0.23
N TYR A 15 -20.33 10.62 -0.25
CA TYR A 15 -20.28 9.15 -0.13
C TYR A 15 -19.79 8.59 1.20
N GLY A 16 -19.32 9.49 2.08
CA GLY A 16 -19.00 9.16 3.45
C GLY A 16 -17.51 9.28 3.73
N PRO A 17 -17.08 8.86 4.94
CA PRO A 17 -15.68 8.77 5.29
C PRO A 17 -14.83 7.91 4.34
N ARG A 18 -15.44 6.89 3.74
CA ARG A 18 -14.75 5.99 2.81
C ARG A 18 -14.82 6.40 1.34
N ALA A 19 -15.28 7.63 1.08
CA ALA A 19 -15.26 8.23 -0.27
C ALA A 19 -13.88 8.14 -0.93
N GLY A 20 -13.80 7.40 -2.02
CA GLY A 20 -12.55 7.13 -2.73
C GLY A 20 -12.23 5.65 -2.68
N SER A 21 -12.40 5.04 -1.52
CA SER A 21 -11.97 3.66 -1.29
C SER A 21 -12.98 2.58 -1.66
N GLN A 22 -14.16 3.01 -2.11
CA GLN A 22 -15.27 2.09 -2.37
C GLN A 22 -15.33 1.63 -3.82
N CYS A 23 -14.26 1.91 -4.56
CA CYS A 23 -14.23 1.60 -6.00
C CYS A 23 -14.72 0.20 -6.34
N SER A 25 -16.70 -1.97 -4.78
CA SER A 25 -18.11 -2.14 -4.55
C SER A 25 -18.95 -1.40 -5.62
N ASN A 26 -18.49 -0.23 -6.05
CA ASN A 26 -19.17 0.50 -7.09
C ASN A 26 -19.15 -0.34 -8.37
N CYS A 27 -18.01 -0.99 -8.65
CA CYS A 27 -17.92 -1.88 -9.82
C CYS A 27 -18.86 -3.09 -9.71
N PHE A 28 -18.92 -3.73 -8.55
CA PHE A 28 -19.88 -4.83 -8.37
C PHE A 28 -21.33 -4.38 -8.61
N THR A 29 -21.70 -3.23 -8.06
CA THR A 29 -23.03 -2.68 -8.19
C THR A 29 -23.37 -2.35 -9.66
N PHE A 30 -22.40 -1.85 -10.42
CA PHE A 30 -22.53 -1.63 -11.85
C PHE A 30 -22.90 -2.95 -12.58
N LEU A 31 -22.10 -3.98 -12.34
CA LEU A 31 -22.29 -5.27 -12.99
C LEU A 31 -23.62 -5.88 -12.59
N HIS A 32 -23.93 -5.84 -11.29
CA HIS A 32 -25.20 -6.28 -10.75
C HIS A 32 -26.38 -5.64 -11.48
N THR A 33 -26.33 -4.32 -11.61
CA THR A 33 -27.45 -3.59 -12.21
C THR A 33 -27.62 -3.99 -13.69
N CYS A 34 -26.50 -4.08 -14.44
CA CYS A 34 -26.55 -4.51 -15.85
C CYS A 34 -27.06 -5.95 -16.04
N TYR A 35 -26.67 -6.84 -15.15
CA TYR A 35 -27.16 -8.20 -15.20
C TYR A 35 -28.70 -8.22 -15.05
N LEU A 36 -29.21 -7.48 -14.07
CA LEU A 36 -30.62 -7.45 -13.80
C LEU A 36 -31.41 -6.73 -14.89
N GLY A 38 -30.37 -5.36 -17.93
CA GLY A 38 -29.75 -5.17 -19.22
C GLY A 38 -28.90 -3.93 -19.20
N ILE A 39 -28.06 -3.77 -20.22
CA ILE A 39 -27.09 -2.69 -20.21
C ILE A 39 -27.70 -1.31 -20.50
N ASP A 40 -28.69 -1.26 -21.38
CA ASP A 40 -29.17 0.02 -21.91
C ASP A 40 -29.68 0.97 -20.83
N PRO A 41 -30.52 0.48 -19.91
CA PRO A 41 -31.04 1.34 -18.84
C PRO A 41 -30.00 1.93 -17.90
N VAL A 42 -28.86 1.25 -17.77
CA VAL A 42 -27.85 1.68 -16.81
C VAL A 42 -27.04 2.84 -17.43
N LEU A 43 -27.05 2.96 -18.75
CA LEU A 43 -26.22 3.95 -19.44
C LEU A 43 -26.90 5.32 -19.58
N ASP A 44 -27.18 5.92 -18.43
CA ASP A 44 -27.55 7.31 -18.36
C ASP A 44 -27.12 7.85 -17.00
N THR A 45 -27.04 9.15 -16.92
CA THR A 45 -26.53 9.81 -15.73
C THR A 45 -27.27 9.43 -14.43
N THR A 46 -28.59 9.40 -14.48
CA THR A 46 -29.44 9.03 -13.32
C THR A 46 -29.07 7.66 -12.79
N SER A 47 -28.95 6.71 -13.72
CA SER A 47 -28.66 5.33 -13.28
C SER A 47 -27.25 5.15 -12.76
N LEU A 48 -26.29 5.83 -13.38
CA LEU A 48 -24.93 5.77 -12.91
C LEU A 48 -24.79 6.43 -11.53
N ASP A 49 -25.53 7.49 -11.27
CA ASP A 49 -25.54 8.09 -9.95
C ASP A 49 -26.12 7.07 -8.93
N ALA A 50 -27.15 6.33 -9.32
CA ALA A 50 -27.75 5.30 -8.49
C ALA A 50 -26.78 4.14 -8.18
N VAL A 51 -25.99 3.74 -9.17
CA VAL A 51 -24.90 2.76 -8.98
C VAL A 51 -23.91 3.19 -7.89
N LEU A 52 -23.47 4.46 -7.97
CA LEU A 52 -22.55 5.03 -6.98
C LEU A 52 -23.15 5.04 -5.59
N ASP A 53 -24.42 5.40 -5.49
CA ASP A 53 -25.11 5.41 -4.20
C ASP A 53 -25.17 4.01 -3.60
N SER A 54 -25.54 3.03 -4.42
CA SER A 54 -25.62 1.63 -4.00
C SER A 54 -24.25 1.03 -3.70
N GLY A 55 -23.27 1.41 -4.50
CA GLY A 55 -21.89 0.97 -4.26
C GLY A 55 -21.34 1.45 -2.91
N ALA A 56 -21.58 2.71 -2.57
CA ALA A 56 -21.21 3.22 -1.23
C ALA A 56 -21.84 2.36 -0.11
N ARG A 57 -23.13 2.02 -0.25
CA ARG A 57 -23.82 1.16 0.73
C ARG A 57 -23.18 -0.24 0.83
N LEU A 58 -22.90 -0.85 -0.33
CA LEU A 58 -22.29 -2.20 -0.36
C LEU A 58 -20.90 -2.19 0.32
N ASP A 59 -20.15 -1.14 0.04
CA ASP A 59 -18.81 -0.96 0.62
C ASP A 59 -18.89 -0.86 2.14
N ALA A 60 -19.88 -0.14 2.65
CA ALA A 60 -20.10 0.01 4.07
C ALA A 60 -20.35 -1.36 4.70
N ILE A 61 -21.17 -2.17 4.04
CA ILE A 61 -21.44 -3.54 4.48
C ILE A 61 -20.15 -4.37 4.47
N ALA A 62 -19.40 -4.29 3.37
CA ALA A 62 -18.14 -5.01 3.27
C ALA A 62 -17.15 -4.56 4.34
N ASP A 63 -17.14 -3.26 4.62
CA ASP A 63 -16.19 -2.70 5.58
C ASP A 63 -16.46 -3.23 6.98
N GLU A 64 -17.72 -3.37 7.33
CA GLU A 64 -18.06 -3.92 8.64
C GLU A 64 -17.67 -5.38 8.81
N LYS A 65 -17.94 -6.19 7.80
CA LYS A 65 -17.48 -7.59 7.85
C LYS A 65 -15.97 -7.73 7.99
N VAL A 66 -15.21 -6.86 7.32
CA VAL A 66 -13.75 -6.91 7.38
C VAL A 66 -13.30 -6.63 8.81
N LYS A 67 -13.94 -5.64 9.41
CA LYS A 67 -13.60 -5.28 10.78
C LYS A 67 -14.00 -6.37 11.76
N ARG A 68 -15.19 -6.91 11.58
CA ARG A 68 -15.73 -7.95 12.47
C ARG A 68 -14.86 -9.21 12.37
N GLN A 69 -14.66 -9.69 11.14
CA GLN A 69 -13.79 -10.86 10.91
C GLN A 69 -12.29 -10.63 11.15
N ALA A 70 -11.87 -9.37 11.21
CA ALA A 70 -10.45 -9.05 11.14
C ALA A 70 -9.89 -9.70 9.86
N LEU A 71 -10.57 -9.42 8.72
CA LEU A 71 -10.16 -9.92 7.42
C LEU A 71 -8.82 -9.33 6.95
N THR A 72 -8.41 -8.24 7.58
CA THR A 72 -7.34 -7.33 7.14
C THR A 72 -7.69 -6.05 7.86
N ASP A 73 -6.73 -5.14 8.00
CA ASP A 73 -7.11 -3.75 8.32
C ASP A 73 -6.66 -2.82 7.22
N HIS A 74 -6.49 -3.35 6.01
CA HIS A 74 -6.22 -2.48 4.86
C HIS A 74 -7.52 -1.84 4.37
N PRO A 75 -7.46 -0.58 3.99
CA PRO A 75 -8.70 0.11 3.51
C PRO A 75 -9.24 -0.34 2.14
N TYR A 76 -8.41 -0.89 1.25
CA TYR A 76 -8.83 -1.36 -0.07
C TYR A 76 -9.25 -2.84 -0.02
N ARG A 77 -9.98 -3.30 -1.03
CA ARG A 77 -10.70 -4.56 -0.94
C ARG A 77 -10.22 -5.62 -1.94
N LEU A 78 -10.38 -6.89 -1.56
CA LEU A 78 -10.29 -8.01 -2.47
C LEU A 78 -11.72 -8.48 -2.82
N GLY A 79 -11.89 -9.11 -3.98
CA GLY A 79 -13.22 -9.55 -4.43
C GLY A 79 -13.95 -10.44 -3.44
N THR A 80 -13.20 -11.34 -2.78
CA THR A 80 -13.76 -12.28 -1.81
C THR A 80 -14.26 -11.61 -0.53
N GLU A 81 -13.93 -10.33 -0.35
CA GLU A 81 -14.39 -9.52 0.77
C GLU A 81 -15.72 -8.80 0.47
N ILE A 82 -16.21 -8.90 -0.76
CA ILE A 82 -17.48 -8.29 -1.14
C ILE A 82 -18.60 -9.33 -0.94
N PRO A 83 -19.66 -8.92 -0.26
CA PRO A 83 -20.82 -9.78 -0.11
C PRO A 83 -21.27 -10.36 -1.44
N THR A 84 -21.60 -11.65 -1.43
CA THR A 84 -22.04 -12.32 -2.66
C THR A 84 -23.53 -12.15 -2.99
N VAL A 85 -24.33 -11.64 -2.03
CA VAL A 85 -25.71 -11.20 -2.30
C VAL A 85 -25.72 -9.68 -2.28
N ILE A 86 -26.21 -9.11 -3.37
CA ILE A 86 -26.28 -7.66 -3.58
C ILE A 86 -27.69 -7.33 -3.93
N GLU A 87 -28.24 -6.36 -3.18
CA GLU A 87 -29.64 -5.98 -3.25
C GLU A 87 -29.71 -4.46 -3.51
N THR A 88 -30.42 -4.08 -4.55
CA THR A 88 -30.67 -2.66 -4.93
C THR A 88 -32.10 -2.52 -5.46
N PRO A 89 -32.55 -1.28 -5.77
CA PRO A 89 -33.87 -1.15 -6.37
C PRO A 89 -34.08 -1.95 -7.64
N ALA A 90 -33.00 -2.31 -8.35
CA ALA A 90 -33.08 -3.13 -9.53
C ALA A 90 -33.46 -4.57 -9.25
N GLY A 91 -33.22 -5.03 -8.04
CA GLY A 91 -33.51 -6.42 -7.65
C GLY A 91 -32.31 -6.97 -6.88
N ILE A 92 -32.27 -8.29 -6.77
CA ILE A 92 -31.27 -9.00 -5.96
C ILE A 92 -30.52 -9.99 -6.85
N THR A 93 -29.18 -9.94 -6.78
CA THR A 93 -28.32 -10.96 -7.40
C THR A 93 -27.50 -11.71 -6.35
N GLY A 94 -27.16 -12.94 -6.71
CA GLY A 94 -26.12 -13.65 -6.03
C GLY A 94 -25.02 -13.78 -7.04
N HIS A 95 -23.76 -13.81 -6.58
CA HIS A 95 -22.67 -14.09 -7.51
C HIS A 95 -21.67 -15.09 -6.94
N ALA A 96 -20.89 -15.65 -7.84
CA ALA A 96 -19.72 -16.41 -7.53
C ALA A 96 -18.58 -15.91 -8.40
N LEU A 97 -17.38 -15.94 -7.86
CA LEU A 97 -16.20 -15.46 -8.58
C LEU A 97 -15.45 -16.61 -9.24
N SER A 98 -14.81 -16.27 -10.35
CA SER A 98 -13.90 -17.20 -10.97
C SER A 98 -12.61 -17.39 -10.19
N ARG A 99 -11.87 -18.40 -10.63
CA ARG A 99 -10.48 -18.56 -10.27
C ARG A 99 -9.72 -17.26 -10.64
N PRO A 100 -8.57 -17.01 -10.01
CA PRO A 100 -7.80 -15.79 -10.29
C PRO A 100 -7.30 -15.71 -11.71
N PHE A 101 -7.37 -14.51 -12.28
CA PHE A 101 -6.67 -14.20 -13.49
C PHE A 101 -5.71 -13.08 -13.24
N ASN A 102 -4.43 -13.31 -13.59
CA ASN A 102 -3.37 -12.30 -13.43
C ASN A 102 -2.43 -12.31 -14.61
N GLY A 103 -1.86 -11.16 -14.90
CA GLY A 103 -0.95 -11.06 -16.02
C GLY A 103 -0.45 -9.67 -16.26
N THR A 104 0.43 -9.58 -17.24
CA THR A 104 1.02 -8.34 -17.70
C THR A 104 0.39 -8.05 -19.09
N ALA A 105 1.09 -7.34 -19.99
CA ALA A 105 0.62 -7.15 -21.36
C ALA A 105 0.65 -8.45 -22.18
N GLU A 106 1.58 -9.35 -21.86
CA GLU A 106 1.82 -10.53 -22.66
C GLU A 106 1.68 -11.78 -21.79
N THR A 107 1.17 -12.85 -22.39
CA THR A 107 0.91 -14.10 -21.67
C THR A 107 2.22 -14.74 -21.23
N GLN A 108 2.25 -15.20 -19.98
CA GLN A 108 3.35 -15.96 -19.44
C GLN A 108 2.78 -17.30 -18.96
N ASP A 109 3.43 -18.39 -19.35
CA ASP A 109 3.04 -19.73 -18.91
C ASP A 109 4.07 -20.18 -17.88
N LEU A 110 3.61 -20.27 -16.63
CA LEU A 110 4.49 -20.60 -15.51
C LEU A 110 4.39 -22.10 -15.21
N GLY A 111 5.02 -22.92 -16.06
CA GLY A 111 4.98 -24.38 -15.93
C GLY A 111 3.60 -25.03 -15.97
N GLY A 112 2.66 -24.37 -16.65
CA GLY A 112 1.30 -24.87 -16.77
C GLY A 112 0.30 -24.01 -16.05
N TYR A 113 0.79 -23.04 -15.28
CA TYR A 113 -0.09 -22.07 -14.63
C TYR A 113 -0.07 -20.85 -15.55
N LYS A 114 -1.16 -20.69 -16.31
CA LYS A 114 -1.27 -19.68 -17.33
C LYS A 114 -1.62 -18.35 -16.71
N CYS A 115 -0.76 -17.36 -16.96
CA CYS A 115 -1.04 -15.98 -16.59
C CYS A 115 -1.21 -15.19 -17.88
N LEU A 116 -2.47 -15.03 -18.30
CA LEU A 116 -2.80 -14.44 -19.60
C LEU A 116 -2.45 -12.96 -19.63
N GLY A 117 -1.90 -12.50 -20.75
CA GLY A 117 -1.78 -11.08 -20.98
C GLY A 117 -3.17 -10.45 -21.08
N ILE A 118 -3.27 -9.14 -20.89
CA ILE A 118 -4.62 -8.50 -20.79
C ILE A 118 -5.50 -8.76 -22.03
N LEU A 119 -4.92 -8.69 -23.24
CA LEU A 119 -5.70 -8.97 -24.47
C LEU A 119 -6.17 -10.41 -24.54
N ASP A 120 -5.28 -11.33 -24.18
CA ASP A 120 -5.59 -12.75 -24.21
C ASP A 120 -6.64 -13.07 -23.16
N PHE A 121 -6.59 -12.36 -22.03
CA PHE A 121 -7.64 -12.52 -21.00
C PHE A 121 -9.02 -12.10 -21.48
N LEU A 122 -9.12 -10.90 -22.06
CA LEU A 122 -10.40 -10.43 -22.61
C LEU A 122 -10.89 -11.38 -23.71
N THR A 123 -9.96 -11.87 -24.53
CA THR A 123 -10.26 -12.84 -25.57
C THR A 123 -10.78 -14.15 -24.97
N TYR A 124 -10.14 -14.61 -23.89
CA TYR A 124 -10.62 -15.80 -23.17
C TYR A 124 -12.07 -15.60 -22.68
N ALA A 125 -12.29 -14.46 -22.04
CA ALA A 125 -13.61 -14.09 -21.55
C ALA A 125 -14.64 -14.13 -22.68
N ARG A 126 -14.26 -13.62 -23.84
CA ARG A 126 -15.19 -13.53 -24.99
C ARG A 126 -15.60 -14.88 -25.57
N GLY A 127 -14.89 -15.94 -25.19
CA GLY A 127 -15.24 -17.27 -25.60
C GLY A 127 -16.30 -17.91 -24.74
N LYS A 128 -16.70 -17.25 -23.67
CA LYS A 128 -17.77 -17.74 -22.81
C LYS A 128 -19.10 -17.20 -23.31
N PRO A 129 -20.22 -17.78 -22.82
CA PRO A 129 -21.52 -17.23 -23.22
C PRO A 129 -21.65 -15.76 -22.82
N LEU A 130 -21.99 -14.92 -23.78
CA LEU A 130 -22.04 -13.48 -23.55
C LEU A 130 -23.39 -13.01 -23.03
N PRO A 131 -23.39 -11.91 -22.28
CA PRO A 131 -22.22 -11.12 -21.86
C PRO A 131 -21.49 -11.72 -20.67
N VAL A 132 -20.22 -11.34 -20.49
CA VAL A 132 -19.39 -11.77 -19.37
C VAL A 132 -19.06 -10.53 -18.54
N TYR A 133 -19.13 -10.71 -17.24
CA TYR A 133 -18.99 -9.66 -16.26
C TYR A 133 -17.66 -9.86 -15.55
N ILE A 134 -16.88 -8.80 -15.40
CA ILE A 134 -15.53 -8.90 -14.89
C ILE A 134 -15.26 -7.74 -13.92
N ILE A 135 -14.59 -8.06 -12.83
CA ILE A 135 -13.95 -7.09 -11.94
C ILE A 135 -12.45 -7.12 -12.26
N VAL A 136 -11.88 -5.96 -12.62
CA VAL A 136 -10.46 -5.86 -13.01
C VAL A 136 -9.79 -4.72 -12.23
N THR A 137 -8.69 -5.03 -11.56
CA THR A 137 -7.91 -4.05 -10.83
C THR A 137 -6.52 -3.89 -11.49
N VAL A 138 -6.12 -2.63 -11.68
CA VAL A 138 -4.81 -2.26 -12.22
C VAL A 138 -4.35 -1.16 -11.26
N GLY A 139 -3.19 -1.39 -10.68
CA GLY A 139 -2.70 -0.52 -9.60
C GLY A 139 -3.62 -0.71 -8.41
N VAL A 140 -4.21 0.40 -7.93
CA VAL A 140 -5.20 0.37 -6.86
C VAL A 140 -6.62 0.58 -7.38
N HIS A 141 -6.75 0.76 -8.68
CA HIS A 141 -8.02 1.21 -9.29
C HIS A 141 -8.77 0.08 -9.91
N THR A 142 -9.94 -0.20 -9.33
CA THR A 142 -10.85 -1.24 -9.86
C THR A 142 -11.84 -0.67 -10.86
N ARG A 143 -12.02 -1.41 -11.95
CA ARG A 143 -13.04 -1.10 -12.96
C ARG A 143 -13.96 -2.31 -13.15
N GLY A 144 -15.19 -2.03 -13.59
CA GLY A 144 -16.08 -3.07 -14.02
C GLY A 144 -16.00 -3.21 -15.52
N VAL A 145 -15.89 -4.45 -16.02
CA VAL A 145 -15.85 -4.67 -17.46
C VAL A 145 -16.91 -5.65 -17.88
N ILE A 146 -17.65 -5.29 -18.92
CA ILE A 146 -18.60 -6.19 -19.52
C ILE A 146 -18.20 -6.46 -20.97
N VAL A 147 -17.90 -7.72 -21.24
CA VAL A 147 -17.63 -8.18 -22.61
C VAL A 147 -18.93 -8.69 -23.22
N ALA A 148 -19.47 -7.90 -24.15
CA ALA A 148 -20.73 -8.22 -24.83
C ALA A 148 -20.46 -8.39 -26.30
N ARG A 149 -21.47 -8.84 -27.03
CA ARG A 149 -21.28 -9.28 -28.42
C ARG A 149 -20.78 -8.17 -29.34
N GLY A 150 -21.36 -6.99 -29.18
CA GLY A 150 -21.02 -5.87 -30.06
C GLY A 150 -20.17 -4.76 -29.47
N ALA A 151 -19.84 -4.84 -28.18
CA ALA A 151 -19.07 -3.79 -27.53
C ALA A 151 -18.53 -4.34 -26.22
N THR A 152 -17.47 -3.70 -25.71
CA THR A 152 -16.95 -3.94 -24.37
C THR A 152 -17.16 -2.65 -23.57
N TYR A 153 -17.79 -2.78 -22.42
CA TYR A 153 -18.14 -1.64 -21.59
C TYR A 153 -17.17 -1.60 -20.42
N VAL A 154 -16.50 -0.49 -20.20
CA VAL A 154 -15.66 -0.36 -19.02
C VAL A 154 -16.20 0.75 -18.11
N PHE A 155 -16.65 0.37 -16.92
CA PHE A 155 -17.12 1.30 -15.91
C PHE A 155 -15.94 1.66 -15.01
N ASP A 156 -15.67 2.96 -14.94
CA ASP A 156 -14.65 3.49 -14.05
C ASP A 156 -15.26 4.47 -13.09
N PRO A 157 -15.23 4.15 -11.79
CA PRO A 157 -15.82 5.05 -10.81
C PRO A 157 -14.99 6.28 -10.43
N HIS A 158 -13.80 6.38 -10.99
CA HIS A 158 -12.90 7.49 -10.72
C HIS A 158 -12.66 8.32 -11.98
N THR A 159 -12.23 9.55 -11.73
CA THR A 159 -11.89 10.55 -12.70
C THR A 159 -10.84 10.04 -13.67
N THR A 160 -11.02 10.37 -14.95
CA THR A 160 -9.97 10.19 -15.97
C THR A 160 -9.77 11.49 -16.73
N ASP A 161 -8.78 11.53 -17.60
CA ASP A 161 -8.58 12.73 -18.40
C ASP A 161 -9.78 13.00 -19.33
N LEU A 162 -10.53 11.97 -19.69
CA LEU A 162 -11.71 12.13 -20.55
C LEU A 162 -13.00 12.46 -19.81
N SER A 163 -13.02 12.26 -18.51
CA SER A 163 -14.22 12.48 -17.69
C SER A 163 -13.88 12.81 -16.24
N ALA A 164 -14.39 13.94 -15.76
CA ALA A 164 -14.32 14.30 -14.35
C ALA A 164 -15.12 13.33 -13.47
N GLU A 165 -16.22 12.83 -14.01
CA GLU A 165 -17.16 12.02 -13.28
C GLU A 165 -16.87 10.54 -13.55
N ALA A 166 -17.47 9.69 -12.74
CA ALA A 166 -17.53 8.26 -13.03
C ALA A 166 -18.22 8.13 -14.39
N ALA A 167 -17.80 7.15 -15.15
CA ALA A 167 -18.29 6.98 -16.50
C ALA A 167 -18.21 5.55 -16.96
N VAL A 168 -19.05 5.24 -17.92
CA VAL A 168 -18.87 4.02 -18.69
C VAL A 168 -18.26 4.41 -20.04
N TYR A 169 -17.18 3.73 -20.40
CA TYR A 169 -16.50 3.89 -21.68
C TYR A 169 -16.96 2.73 -22.57
N VAL A 170 -17.67 3.09 -23.65
CA VAL A 170 -18.22 2.15 -24.60
C VAL A 170 -17.22 1.91 -25.72
N CYS A 171 -16.65 0.72 -25.75
CA CYS A 171 -15.49 0.41 -26.58
C CYS A 171 -15.84 -0.52 -27.72
N ASP A 172 -15.49 -0.12 -28.94
CA ASP A 172 -15.76 -0.92 -30.13
C ASP A 172 -14.88 -2.16 -30.24
N ASP A 173 -13.72 -2.12 -29.59
CA ASP A 173 -12.80 -3.24 -29.61
C ASP A 173 -11.98 -3.29 -28.31
N PHE A 174 -11.28 -4.41 -28.13
CA PHE A 174 -10.46 -4.58 -26.93
C PHE A 174 -9.30 -3.58 -26.84
N THR A 175 -8.80 -3.11 -27.97
CA THR A 175 -7.76 -2.07 -27.93
C THR A 175 -8.22 -0.84 -27.16
N GLU A 176 -9.44 -0.39 -27.41
CA GLU A 176 -10.04 0.72 -26.64
C GLU A 176 -10.28 0.35 -25.17
N ALA A 177 -10.77 -0.85 -24.90
CA ALA A 177 -10.99 -1.32 -23.52
C ALA A 177 -9.69 -1.28 -22.71
N ILE A 178 -8.62 -1.81 -23.31
CA ILE A 178 -7.32 -1.88 -22.66
C ILE A 178 -6.77 -0.47 -22.42
N SER A 179 -7.05 0.46 -23.35
CA SER A 179 -6.66 1.86 -23.19
C SER A 179 -7.30 2.43 -21.92
N ALA A 180 -8.59 2.14 -21.74
CA ALA A 180 -9.36 2.58 -20.56
C ALA A 180 -8.78 1.96 -19.27
N LEU A 181 -8.41 0.69 -19.32
CA LEU A 181 -7.75 0.03 -18.19
C LEU A 181 -6.34 0.54 -17.91
N SER A 182 -5.75 1.18 -18.91
CA SER A 182 -4.42 1.76 -18.87
C SER A 182 -4.42 3.28 -18.58
N PHE A 183 -5.56 3.81 -18.13
N PHE A 183 -5.57 3.81 -18.11
CA PHE A 183 -5.62 5.22 -17.79
CA PHE A 183 -5.79 5.25 -17.84
C PHE A 183 -5.36 6.06 -19.07
C PHE A 183 -5.61 6.15 -19.06
N PHE A 184 -5.82 5.56 -20.24
CA PHE A 184 -5.61 6.25 -21.53
C PHE A 184 -4.19 6.74 -21.77
N THR A 185 -3.18 6.01 -21.33
CA THR A 185 -1.81 6.40 -21.71
C THR A 185 -0.96 5.17 -21.94
N GLU A 186 0.34 5.38 -22.21
CA GLU A 186 1.20 4.24 -22.52
C GLU A 186 1.95 3.73 -21.30
N ILE A 188 2.69 -0.01 -21.24
CA ILE A 188 2.85 -1.42 -21.60
C ILE A 188 3.74 -2.14 -20.60
N GLY A 189 4.88 -1.52 -20.29
CA GLY A 189 5.89 -2.14 -19.44
C GLY A 189 5.55 -2.33 -17.97
N ASP A 190 4.72 -1.43 -17.45
CA ASP A 190 4.35 -1.46 -16.04
C ASP A 190 3.03 -2.21 -15.82
N PHE A 191 2.39 -2.63 -16.91
CA PHE A 191 1.04 -3.15 -16.80
C PHE A 191 0.98 -4.49 -16.04
N TYR A 192 0.01 -4.58 -15.12
CA TYR A 192 -0.24 -5.77 -14.36
C TYR A 192 -1.67 -5.69 -13.87
N TYR A 193 -2.44 -6.76 -14.05
CA TYR A 193 -3.84 -6.75 -13.65
C TYR A 193 -4.17 -7.95 -12.76
N ASP A 194 -5.24 -7.82 -11.99
CA ASP A 194 -5.83 -8.85 -11.15
C ASP A 194 -7.32 -8.82 -11.46
N ALA A 195 -7.86 -9.92 -12.00
CA ALA A 195 -9.24 -9.96 -12.48
C ALA A 195 -9.97 -11.21 -12.06
N VAL A 196 -11.28 -11.07 -11.82
CA VAL A 196 -12.15 -12.25 -11.66
C VAL A 196 -13.39 -12.08 -12.57
N LEU A 197 -13.84 -13.16 -13.19
CA LEU A 197 -15.16 -13.20 -13.82
C LEU A 197 -16.18 -13.31 -12.71
N VAL A 198 -17.37 -12.74 -12.92
CA VAL A 198 -18.45 -12.72 -11.92
C VAL A 198 -19.63 -13.42 -12.56
N TYR A 199 -20.10 -14.47 -11.91
CA TYR A 199 -21.15 -15.31 -12.44
C TYR A 199 -22.42 -15.03 -11.61
N PHE A 200 -23.44 -14.43 -12.23
CA PHE A 200 -24.60 -13.93 -11.51
C PHE A 200 -25.80 -14.86 -11.62
N THR A 201 -26.67 -14.75 -10.66
CA THR A 201 -28.00 -15.31 -10.70
C THR A 201 -28.96 -14.30 -10.08
N ARG A 202 -30.18 -14.25 -10.59
CA ARG A 202 -31.23 -13.48 -9.95
C ARG A 202 -31.77 -14.29 -8.81
N CYS A 203 -31.92 -13.64 -7.66
CA CYS A 203 -32.51 -14.24 -6.47
C CYS A 203 -33.90 -13.64 -6.20
N ARG A 204 -34.84 -14.46 -5.73
CA ARG A 204 -36.18 -13.97 -5.37
C ARG A 204 -36.14 -13.16 -4.07
N THR A 205 -35.36 -13.63 -3.11
CA THR A 205 -35.11 -12.88 -1.89
C THR A 205 -33.65 -13.03 -1.46
N THR A 206 -33.29 -12.30 -0.41
CA THR A 206 -31.95 -12.31 0.12
C THR A 206 -31.69 -13.49 1.08
N LEU A 207 -32.73 -14.26 1.46
CA LEU A 207 -32.60 -15.36 2.42
C LEU A 207 -32.02 -16.64 1.81
N ILE A 208 -30.73 -16.56 1.48
CA ILE A 208 -29.93 -17.70 1.05
C ILE A 208 -28.53 -17.57 1.66
N SER A 209 -27.98 -18.67 2.16
CA SER A 209 -26.62 -18.62 2.77
C SER A 209 -25.54 -18.47 1.68
N PRO A 210 -24.40 -17.87 2.02
CA PRO A 210 -23.30 -17.79 1.05
C PRO A 210 -22.86 -19.16 0.48
N SER A 211 -22.81 -20.18 1.32
CA SER A 211 -22.50 -21.54 0.86
C SER A 211 -23.59 -22.15 -0.05
N GLU A 212 -24.87 -22.01 0.31
CA GLU A 212 -25.96 -22.44 -0.57
C GLU A 212 -25.83 -21.75 -1.92
N LEU A 213 -25.58 -20.43 -1.91
CA LEU A 213 -25.52 -19.67 -3.15
C LEU A 213 -24.42 -20.17 -4.08
N LEU A 214 -23.24 -20.37 -3.53
CA LEU A 214 -22.10 -20.83 -4.35
C LEU A 214 -22.46 -22.14 -5.03
N VAL A 215 -22.99 -23.11 -4.29
CA VAL A 215 -23.33 -24.40 -4.89
C VAL A 215 -24.38 -24.26 -5.99
N GLN A 216 -25.40 -23.43 -5.75
CA GLN A 216 -26.44 -23.16 -6.74
C GLN A 216 -25.87 -22.56 -8.04
N ILE A 217 -25.01 -21.56 -7.89
CA ILE A 217 -24.38 -20.95 -9.06
C ILE A 217 -23.44 -21.95 -9.79
N ASP A 219 -23.91 -25.14 -10.00
CA ASP A 219 -24.82 -25.98 -10.77
C ASP A 219 -25.51 -25.29 -11.95
N GLN A 220 -25.74 -23.99 -11.83
CA GLN A 220 -26.36 -23.23 -12.91
C GLN A 220 -25.43 -23.15 -14.16
N TYR A 221 -24.15 -22.85 -13.94
CA TYR A 221 -23.20 -22.62 -15.03
C TYR A 221 -22.40 -23.84 -15.49
N LYS A 222 -22.11 -24.76 -14.58
CA LYS A 222 -21.23 -25.94 -14.85
C LYS A 222 -19.98 -25.52 -15.61
N ASP A 223 -19.28 -24.57 -15.04
CA ASP A 223 -18.12 -23.98 -15.65
C ASP A 223 -16.98 -24.16 -14.67
N PRO A 224 -15.95 -24.96 -15.06
CA PRO A 224 -14.81 -25.22 -14.17
C PRO A 224 -14.05 -23.98 -13.72
N ASP A 225 -14.29 -22.83 -14.35
CA ASP A 225 -13.60 -21.60 -13.96
C ASP A 225 -14.15 -20.97 -12.67
N ILE A 226 -15.30 -21.43 -12.21
CA ILE A 226 -15.83 -20.95 -10.94
C ILE A 226 -14.95 -21.50 -9.82
N ASP A 227 -14.50 -20.62 -8.95
CA ASP A 227 -13.63 -21.01 -7.84
C ASP A 227 -14.40 -21.69 -6.68
N ALA A 228 -14.31 -23.01 -6.63
CA ALA A 228 -14.95 -23.81 -5.57
C ALA A 228 -14.20 -23.72 -4.23
N SER A 229 -12.92 -23.35 -4.29
CA SER A 229 -12.05 -23.36 -3.11
C SER A 229 -12.46 -22.28 -2.12
N VAL A 230 -13.24 -21.31 -2.60
CA VAL A 230 -13.92 -20.30 -1.77
C VAL A 230 -14.85 -20.93 -0.70
N SER A 232 -16.66 -22.37 2.32
CA SER A 232 -16.47 -22.61 3.76
C SER A 232 -17.86 -22.87 4.36
N MET B 1 18.49 -23.65 3.13
CA MET B 1 18.68 -23.79 1.66
C MET B 1 18.16 -22.55 0.96
N GLN B 2 18.65 -22.31 -0.25
CA GLN B 2 18.31 -21.09 -0.99
C GLN B 2 17.30 -21.41 -2.07
N ILE B 3 16.22 -20.65 -2.12
CA ILE B 3 15.25 -20.73 -3.24
C ILE B 3 15.08 -19.35 -3.83
N PHE B 4 14.53 -19.29 -5.05
CA PHE B 4 14.33 -18.03 -5.76
C PHE B 4 12.84 -17.82 -5.98
N VAL B 5 12.39 -16.60 -5.78
CA VAL B 5 10.97 -16.27 -5.98
C VAL B 5 10.90 -15.15 -7.00
N LYS B 6 10.21 -15.38 -8.11
CA LYS B 6 10.16 -14.46 -9.24
C LYS B 6 8.73 -13.98 -9.46
N THR B 7 8.54 -12.68 -9.65
CA THR B 7 7.20 -12.13 -9.92
C THR B 7 6.96 -12.04 -11.44
N LEU B 8 5.72 -11.75 -11.83
CA LEU B 8 5.34 -11.69 -13.26
C LEU B 8 5.98 -10.51 -13.99
N THR B 9 6.38 -9.51 -13.20
CA THR B 9 6.96 -8.28 -13.73
C THR B 9 8.47 -8.31 -13.64
N GLY B 10 9.04 -9.50 -13.40
CA GLY B 10 10.48 -9.75 -13.59
C GLY B 10 11.31 -9.92 -12.31
N LYS B 11 10.86 -9.31 -11.22
CA LYS B 11 11.68 -9.18 -10.02
C LYS B 11 11.94 -10.53 -9.35
N THR B 12 13.20 -10.78 -8.98
CA THR B 12 13.59 -12.05 -8.35
C THR B 12 14.07 -11.85 -6.89
N ILE B 13 13.42 -12.56 -5.98
CA ILE B 13 13.68 -12.47 -4.53
C ILE B 13 14.47 -13.74 -4.18
N THR B 14 15.59 -13.62 -3.47
CA THR B 14 16.29 -14.80 -2.93
C THR B 14 15.93 -14.97 -1.46
N LEU B 15 15.60 -16.20 -1.08
CA LEU B 15 15.16 -16.51 0.28
C LEU B 15 15.99 -17.66 0.83
N GLU B 16 16.29 -17.62 2.11
CA GLU B 16 16.89 -18.78 2.82
C GLU B 16 15.74 -19.45 3.57
N VAL B 17 15.53 -20.73 3.27
CA VAL B 17 14.38 -21.47 3.77
C VAL B 17 14.83 -22.89 4.18
N GLU B 18 13.94 -23.59 4.86
CA GLU B 18 14.17 -25.00 5.19
C GLU B 18 13.06 -25.88 4.60
N PRO B 19 13.41 -27.11 4.19
CA PRO B 19 12.38 -27.98 3.58
C PRO B 19 11.12 -28.12 4.43
N SER B 20 11.28 -28.12 5.74
CA SER B 20 10.17 -28.33 6.66
C SER B 20 9.35 -27.04 6.98
N ASP B 21 9.72 -25.91 6.37
CA ASP B 21 8.94 -24.67 6.48
C ASP B 21 7.62 -24.76 5.70
N THR B 22 6.54 -24.28 6.31
CA THR B 22 5.25 -24.21 5.69
C THR B 22 5.24 -23.10 4.63
N ILE B 23 4.30 -23.21 3.69
CA ILE B 23 4.10 -22.18 2.67
C ILE B 23 3.74 -20.87 3.34
N GLU B 24 2.94 -20.96 4.40
CA GLU B 24 2.60 -19.81 5.23
C GLU B 24 3.86 -19.11 5.74
N ASN B 25 4.80 -19.90 6.24
CA ASN B 25 6.08 -19.35 6.70
C ASN B 25 6.89 -18.69 5.58
N VAL B 26 6.92 -19.31 4.41
CA VAL B 26 7.57 -18.70 3.25
C VAL B 26 6.93 -17.35 2.93
N LYS B 27 5.59 -17.30 2.95
CA LYS B 27 4.90 -16.03 2.70
C LYS B 27 5.27 -15.01 3.77
N ALA B 28 5.39 -15.43 5.02
CA ALA B 28 5.85 -14.51 6.10
C ALA B 28 7.25 -13.95 5.85
N LYS B 29 8.13 -14.80 5.34
CA LYS B 29 9.49 -14.38 4.99
C LYS B 29 9.51 -13.36 3.85
N ILE B 30 8.65 -13.58 2.85
CA ILE B 30 8.46 -12.61 1.76
C ILE B 30 7.92 -11.25 2.27
N GLN B 31 6.99 -11.25 3.23
CA GLN B 31 6.59 -10.01 3.87
C GLN B 31 7.76 -9.36 4.62
N ASP B 32 8.56 -10.15 5.34
CA ASP B 32 9.68 -9.63 6.13
C ASP B 32 10.69 -8.92 5.25
N LYS B 33 10.86 -9.43 4.04
CA LYS B 33 11.91 -8.94 3.13
C LYS B 33 11.38 -7.87 2.14
N GLU B 34 10.13 -8.04 1.69
CA GLU B 34 9.54 -7.22 0.60
C GLU B 34 8.29 -6.41 0.98
N GLY B 35 7.77 -6.61 2.18
CA GLY B 35 6.65 -5.87 2.71
C GLY B 35 5.28 -6.25 2.15
N ILE B 36 5.21 -7.31 1.36
CA ILE B 36 3.96 -7.78 0.74
C ILE B 36 3.20 -8.65 1.73
N PRO B 37 1.97 -8.25 2.09
CA PRO B 37 1.19 -9.07 3.00
C PRO B 37 0.94 -10.47 2.49
N PRO B 38 1.02 -11.48 3.38
CA PRO B 38 0.78 -12.85 2.93
C PRO B 38 -0.54 -13.08 2.21
N ASP B 39 -1.63 -12.40 2.62
CA ASP B 39 -2.92 -12.62 1.97
C ASP B 39 -2.96 -12.14 0.51
N GLN B 40 -1.97 -11.36 0.07
CA GLN B 40 -1.88 -10.95 -1.32
C GLN B 40 -0.94 -11.79 -2.17
N GLN B 41 -0.35 -12.84 -1.58
CA GLN B 41 0.63 -13.66 -2.23
C GLN B 41 0.02 -14.96 -2.72
N ARG B 42 0.23 -15.26 -4.00
CA ARG B 42 0.01 -16.59 -4.50
C ARG B 42 1.35 -17.16 -4.98
N LEU B 43 1.76 -18.26 -4.37
CA LEU B 43 3.02 -18.92 -4.72
C LEU B 43 2.72 -20.12 -5.60
N ILE B 44 3.53 -20.26 -6.66
CA ILE B 44 3.28 -21.22 -7.71
C ILE B 44 4.55 -22.05 -7.94
N PHE B 45 4.38 -23.36 -7.97
CA PHE B 45 5.47 -24.26 -8.29
C PHE B 45 4.91 -25.49 -9.03
N ALA B 46 5.60 -25.92 -10.08
CA ALA B 46 5.19 -27.07 -10.90
C ALA B 46 3.76 -26.92 -11.44
N GLY B 47 3.43 -25.68 -11.80
CA GLY B 47 2.15 -25.39 -12.45
C GLY B 47 0.98 -25.22 -11.50
N LYS B 48 1.22 -25.20 -10.20
CA LYS B 48 0.12 -25.24 -9.22
C LYS B 48 0.29 -24.20 -8.14
N GLN B 49 -0.82 -23.61 -7.67
CA GLN B 49 -0.77 -22.72 -6.52
C GLN B 49 -0.50 -23.56 -5.25
N LEU B 50 0.42 -23.10 -4.42
CA LEU B 50 0.82 -23.80 -3.19
C LEU B 50 -0.10 -23.43 -2.00
N GLU B 51 -0.46 -24.44 -1.20
CA GLU B 51 -1.42 -24.27 -0.09
C GLU B 51 -0.70 -23.99 1.23
N ASP B 52 -1.23 -23.05 2.01
CA ASP B 52 -0.49 -22.48 3.17
C ASP B 52 -0.02 -23.46 4.24
N GLY B 53 -0.83 -24.49 4.52
CA GLY B 53 -0.54 -25.46 5.57
C GLY B 53 0.41 -26.58 5.17
N ARG B 54 0.74 -26.64 3.88
CA ARG B 54 1.70 -27.62 3.39
C ARG B 54 3.10 -27.07 3.51
N THR B 55 4.10 -27.93 3.32
CA THR B 55 5.50 -27.53 3.45
C THR B 55 6.19 -27.57 2.10
N LEU B 56 7.37 -26.97 2.04
CA LEU B 56 8.18 -27.05 0.86
C LEU B 56 8.45 -28.50 0.51
N SER B 57 8.69 -29.33 1.54
CA SER B 57 9.00 -30.74 1.32
C SER B 57 7.80 -31.50 0.75
N ASP B 58 6.57 -31.10 1.12
CA ASP B 58 5.37 -31.72 0.57
C ASP B 58 5.37 -31.60 -0.94
N TYR B 59 5.85 -30.48 -1.45
CA TYR B 59 5.83 -30.17 -2.90
C TYR B 59 7.13 -30.57 -3.60
N ASN B 60 8.02 -31.21 -2.86
CA ASN B 60 9.34 -31.60 -3.34
C ASN B 60 10.11 -30.41 -3.89
N ILE B 61 10.04 -29.31 -3.16
CA ILE B 61 10.81 -28.11 -3.47
C ILE B 61 12.16 -28.25 -2.77
N GLN B 62 13.22 -28.23 -3.59
CA GLN B 62 14.58 -28.52 -3.15
C GLN B 62 15.46 -27.29 -3.36
N LYS B 63 16.72 -27.42 -2.94
CA LYS B 63 17.66 -26.30 -3.01
C LYS B 63 17.69 -25.73 -4.42
N GLU B 64 17.78 -24.40 -4.49
CA GLU B 64 17.89 -23.64 -5.75
C GLU B 64 16.65 -23.70 -6.67
N SER B 65 15.50 -24.15 -6.13
CA SER B 65 14.24 -24.16 -6.88
C SER B 65 13.81 -22.71 -7.09
N THR B 66 13.04 -22.46 -8.15
CA THR B 66 12.43 -21.15 -8.38
C THR B 66 10.92 -21.27 -8.24
N LEU B 67 10.33 -20.43 -7.38
CA LEU B 67 8.88 -20.33 -7.20
C LEU B 67 8.45 -19.07 -7.94
N HIS B 68 7.18 -18.99 -8.33
CA HIS B 68 6.63 -17.76 -8.91
C HIS B 68 5.69 -17.14 -7.88
N LEU B 69 5.73 -15.82 -7.84
CA LEU B 69 4.92 -15.08 -6.93
C LEU B 69 3.95 -14.25 -7.77
N VAL B 70 2.67 -14.62 -7.68
CA VAL B 70 1.59 -13.90 -8.37
C VAL B 70 0.88 -13.08 -7.29
N LEU B 71 0.63 -11.81 -7.58
CA LEU B 71 0.13 -10.91 -6.54
C LEU B 71 -1.34 -10.55 -6.73
N ARG B 72 -2.12 -10.67 -5.66
CA ARG B 72 -3.45 -10.10 -5.62
C ARG B 72 -3.35 -8.60 -5.41
N LEU B 73 -4.26 -7.84 -6.00
CA LEU B 73 -4.29 -6.40 -5.86
C LEU B 73 -5.51 -5.93 -5.08
N ARG B 74 -5.30 -5.22 -3.99
CA ARG B 74 -6.40 -4.67 -3.24
C ARG B 74 -6.84 -3.40 -3.99
N GLY B 75 -8.13 -3.29 -4.27
CA GLY B 75 -8.71 -2.15 -5.01
C GLY B 75 -9.45 -1.14 -4.18
N LYS C 2 27.78 -7.09 16.65
CA LYS C 2 27.07 -7.63 17.79
C LYS C 2 25.55 -7.52 17.54
N ILE C 3 24.81 -8.44 18.14
CA ILE C 3 23.36 -8.45 18.07
C ILE C 3 22.85 -8.62 19.48
N VAL C 4 21.90 -7.80 19.85
CA VAL C 4 21.20 -7.95 21.13
C VAL C 4 19.72 -8.12 20.88
N ARG C 5 19.14 -9.22 21.39
CA ARG C 5 17.80 -9.65 20.98
C ARG C 5 16.79 -9.48 22.12
N ALA C 6 15.55 -9.14 21.76
CA ALA C 6 14.40 -9.23 22.66
C ALA C 6 13.97 -10.71 22.80
N SER C 7 12.90 -11.00 23.52
CA SER C 7 12.45 -12.39 23.67
C SER C 7 11.36 -12.74 22.63
N ARG C 8 10.90 -11.72 21.91
CA ARG C 8 9.98 -11.90 20.78
C ARG C 8 10.10 -10.80 19.73
N ASP C 9 9.35 -10.94 18.64
CA ASP C 9 9.26 -9.85 17.67
C ASP C 9 7.90 -9.15 17.77
N GLN C 10 7.74 -8.03 17.06
CA GLN C 10 6.52 -7.24 17.17
C GLN C 10 5.24 -7.95 16.70
N SER C 11 5.36 -9.04 15.93
CA SER C 11 4.18 -9.74 15.45
C SER C 11 3.55 -10.66 16.50
N ALA C 12 4.19 -10.81 17.67
CA ALA C 12 3.69 -11.73 18.73
C ALA C 12 2.26 -11.37 19.10
N PRO C 13 1.34 -12.36 19.21
CA PRO C 13 -0.06 -12.01 19.46
C PRO C 13 -0.32 -11.29 20.81
N VAL C 14 0.61 -11.38 21.76
CA VAL C 14 0.53 -10.60 22.99
C VAL C 14 0.48 -9.07 22.77
N TYR C 15 0.89 -8.58 21.60
CA TYR C 15 0.91 -7.11 21.38
C TYR C 15 -0.42 -6.55 20.87
N GLY C 16 -1.38 -7.43 20.62
CA GLY C 16 -2.76 -7.03 20.40
C GLY C 16 -3.17 -7.13 18.95
N PRO C 17 -4.37 -6.61 18.62
CA PRO C 17 -4.89 -6.72 17.27
C PRO C 17 -4.02 -6.04 16.20
N ARG C 18 -3.19 -5.07 16.58
CA ARG C 18 -2.31 -4.41 15.61
C ARG C 18 -0.90 -5.01 15.55
N ALA C 19 -0.69 -6.16 16.18
CA ALA C 19 0.64 -6.77 16.21
C ALA C 19 1.13 -6.93 14.76
N GLY C 20 2.33 -6.43 14.50
CA GLY C 20 2.87 -6.44 13.16
C GLY C 20 2.82 -5.09 12.48
N SER C 21 1.94 -4.19 12.95
CA SER C 21 1.73 -2.87 12.32
C SER C 21 2.32 -1.73 13.15
N GLN C 22 2.89 -2.07 14.31
CA GLN C 22 3.29 -1.05 15.32
C GLN C 22 4.77 -0.68 15.28
N CYS C 23 5.44 -1.07 14.19
CA CYS C 23 6.87 -0.91 14.04
C CYS C 23 7.36 0.51 14.31
N SER C 25 6.05 2.98 16.18
CA SER C 25 5.99 3.30 17.61
C SER C 25 7.02 2.53 18.38
N ASN C 26 7.27 1.26 18.02
CA ASN C 26 8.36 0.50 18.70
C ASN C 26 9.71 1.23 18.54
N CYS C 27 9.98 1.74 17.34
CA CYS C 27 11.23 2.44 17.08
C CYS C 27 11.30 3.76 17.86
N PHE C 28 10.18 4.49 17.94
CA PHE C 28 10.18 5.75 18.71
C PHE C 28 10.44 5.46 20.17
N THR C 29 9.82 4.39 20.70
CA THR C 29 10.01 4.00 22.08
C THR C 29 11.48 3.59 22.37
N PHE C 30 12.08 2.88 21.44
CA PHE C 30 13.50 2.56 21.51
C PHE C 30 14.36 3.82 21.66
N LEU C 31 14.19 4.77 20.75
CA LEU C 31 14.97 5.98 20.73
C LEU C 31 14.75 6.78 22.02
N HIS C 32 13.48 6.89 22.40
CA HIS C 32 13.07 7.57 23.62
C HIS C 32 13.76 7.00 24.84
N THR C 33 13.75 5.68 24.96
CA THR C 33 14.34 5.03 26.13
C THR C 33 15.87 5.24 26.17
N CYS C 34 16.52 5.12 25.01
CA CYS C 34 17.95 5.37 24.93
C CYS C 34 18.29 6.86 25.27
N TYR C 35 17.48 7.81 24.81
CA TYR C 35 17.68 9.21 25.15
C TYR C 35 17.73 9.42 26.68
N LEU C 36 16.76 8.82 27.35
CA LEU C 36 16.59 9.00 28.77
C LEU C 36 17.65 8.24 29.59
N GLY C 38 20.53 6.38 28.37
CA GLY C 38 21.74 5.99 27.68
C GLY C 38 21.48 4.72 26.88
N ILE C 39 22.35 4.45 25.91
CA ILE C 39 22.19 3.28 25.06
C ILE C 39 22.49 1.96 25.82
N ASP C 40 23.63 1.88 26.49
CA ASP C 40 24.07 0.59 27.09
C ASP C 40 23.04 -0.07 28.02
N PRO C 41 22.41 0.70 28.91
CA PRO C 41 21.38 0.10 29.81
C PRO C 41 20.16 -0.48 29.07
N VAL C 42 19.94 -0.07 27.84
CA VAL C 42 18.80 -0.58 27.06
C VAL C 42 19.17 -1.85 26.30
N LEU C 43 20.45 -2.10 26.10
CA LEU C 43 20.92 -3.23 25.30
C LEU C 43 20.92 -4.55 26.07
N ASP C 44 19.75 -4.98 26.52
CA ASP C 44 19.57 -6.30 27.09
C ASP C 44 18.14 -6.79 26.83
N THR C 45 17.96 -8.08 26.98
CA THR C 45 16.69 -8.70 26.60
C THR C 45 15.53 -8.10 27.35
N THR C 46 15.69 -7.90 28.65
CA THR C 46 14.59 -7.43 29.51
C THR C 46 14.18 -6.01 29.10
N SER C 47 15.19 -5.17 28.86
CA SER C 47 14.96 -3.81 28.42
C SER C 47 14.31 -3.74 27.06
N LEU C 48 14.73 -4.61 26.16
CA LEU C 48 14.15 -4.59 24.80
C LEU C 48 12.70 -5.09 24.81
N ASP C 49 12.39 -6.06 25.68
CA ASP C 49 11.00 -6.49 25.89
C ASP C 49 10.14 -5.33 26.38
N ALA C 50 10.68 -4.55 27.32
CA ALA C 50 9.98 -3.38 27.84
C ALA C 50 9.73 -2.33 26.74
N VAL C 51 10.72 -2.10 25.89
CA VAL C 51 10.55 -1.26 24.68
C VAL C 51 9.38 -1.74 23.83
N LEU C 52 9.26 -3.06 23.60
CA LEU C 52 8.16 -3.58 22.77
C LEU C 52 6.81 -3.37 23.47
N ASP C 53 6.79 -3.54 24.78
CA ASP C 53 5.55 -3.34 25.54
C ASP C 53 5.09 -1.89 25.41
N SER C 54 6.02 -0.97 25.67
CA SER C 54 5.72 0.48 25.56
C SER C 54 5.39 0.91 24.13
N GLY C 55 6.07 0.31 23.15
CA GLY C 55 5.77 0.59 21.74
C GLY C 55 4.35 0.20 21.33
N ALA C 56 3.88 -0.94 21.81
CA ALA C 56 2.52 -1.38 21.51
C ALA C 56 1.50 -0.41 22.13
N ARG C 57 1.79 0.07 23.33
CA ARG C 57 0.91 1.05 24.00
C ARG C 57 0.92 2.39 23.26
N LEU C 58 2.09 2.85 22.83
CA LEU C 58 2.18 4.10 22.09
C LEU C 58 1.42 3.96 20.77
N ASP C 59 1.59 2.82 20.11
CA ASP C 59 0.89 2.59 18.84
C ASP C 59 -0.64 2.62 19.04
N ALA C 60 -1.12 2.02 20.13
CA ALA C 60 -2.54 2.00 20.40
C ALA C 60 -3.07 3.43 20.62
N ILE C 61 -2.32 4.24 21.36
CA ILE C 61 -2.67 5.65 21.56
C ILE C 61 -2.70 6.41 20.22
N ALA C 62 -1.68 6.22 19.39
CA ALA C 62 -1.61 6.88 18.08
C ALA C 62 -2.76 6.44 17.15
N ASP C 63 -3.15 5.18 17.24
CA ASP C 63 -4.23 4.66 16.41
C ASP C 63 -5.56 5.35 16.74
N GLU C 64 -5.80 5.65 18.03
CA GLU C 64 -7.02 6.36 18.44
C GLU C 64 -7.10 7.75 17.80
N LYS C 65 -5.97 8.45 17.74
CA LYS C 65 -5.94 9.76 17.09
C LYS C 65 -6.15 9.64 15.59
N VAL C 66 -5.52 8.67 14.97
CA VAL C 66 -5.75 8.46 13.50
C VAL C 66 -7.22 8.23 13.23
N LYS C 67 -7.84 7.39 14.05
CA LYS C 67 -9.26 7.06 13.87
C LYS C 67 -10.16 8.28 14.02
N ARG C 68 -9.92 9.04 15.08
CA ARG C 68 -10.71 10.23 15.38
C ARG C 68 -10.64 11.29 14.24
N GLN C 69 -9.44 11.53 13.72
CA GLN C 69 -9.23 12.53 12.66
C GLN C 69 -9.70 12.10 11.27
N ALA C 70 -9.66 10.81 11.00
CA ALA C 70 -10.17 10.30 9.74
C ALA C 70 -9.46 10.87 8.49
N LEU C 71 -8.21 11.31 8.64
CA LEU C 71 -7.40 11.71 7.48
C LEU C 71 -6.84 10.50 6.70
N THR C 72 -6.58 9.40 7.42
CA THR C 72 -6.15 8.13 6.80
C THR C 72 -6.85 6.96 7.44
N ASP C 73 -7.08 5.92 6.67
CA ASP C 73 -7.49 4.66 7.24
C ASP C 73 -6.49 3.56 6.91
N HIS C 74 -5.25 3.94 6.64
CA HIS C 74 -4.23 2.98 6.35
C HIS C 74 -3.64 2.47 7.67
N PRO C 75 -3.33 1.18 7.77
CA PRO C 75 -2.81 0.63 9.03
C PRO C 75 -1.39 1.03 9.44
N TYR C 76 -0.60 1.54 8.50
CA TYR C 76 0.79 1.91 8.78
C TYR C 76 0.92 3.39 9.02
N ARG C 77 2.03 3.84 9.64
CA ARG C 77 2.08 5.20 10.22
C ARG C 77 3.14 6.10 9.56
N LEU C 78 2.87 7.39 9.59
CA LEU C 78 3.82 8.45 9.32
C LEU C 78 4.36 8.99 10.66
N GLY C 79 5.60 9.48 10.66
CA GLY C 79 6.22 10.08 11.86
C GLY C 79 5.38 11.14 12.52
N THR C 80 4.69 11.95 11.72
CA THR C 80 3.83 13.04 12.19
C THR C 80 2.50 12.57 12.84
N GLU C 81 2.23 11.27 12.74
CA GLU C 81 1.11 10.59 13.41
C GLU C 81 1.49 9.93 14.75
N ILE C 82 2.75 10.04 15.16
CA ILE C 82 3.17 9.57 16.46
C ILE C 82 3.12 10.79 17.44
N PRO C 83 2.57 10.60 18.65
CA PRO C 83 2.57 11.65 19.66
C PRO C 83 3.98 12.25 19.85
N THR C 84 4.04 13.56 20.03
CA THR C 84 5.32 14.24 20.29
C THR C 84 5.73 14.13 21.75
N VAL C 85 4.77 13.90 22.65
CA VAL C 85 5.09 13.66 24.04
C VAL C 85 4.92 12.18 24.37
N ILE C 86 5.95 11.56 24.90
CA ILE C 86 6.03 10.12 25.12
C ILE C 86 6.39 9.87 26.56
N GLU C 87 5.53 9.14 27.27
CA GLU C 87 5.78 8.75 28.64
C GLU C 87 5.85 7.24 28.73
N THR C 88 6.93 6.76 29.32
CA THR C 88 7.10 5.33 29.69
C THR C 88 7.68 5.34 31.09
N PRO C 89 7.89 4.13 31.69
CA PRO C 89 8.57 4.02 32.98
C PRO C 89 9.95 4.68 33.02
N ALA C 90 10.60 4.79 31.86
CA ALA C 90 11.87 5.48 31.78
C ALA C 90 11.75 6.98 32.07
N GLY C 91 10.58 7.58 31.80
CA GLY C 91 10.44 9.02 31.95
C GLY C 91 9.65 9.63 30.81
N ILE C 92 9.66 10.95 30.74
CA ILE C 92 8.87 11.67 29.77
C ILE C 92 9.80 12.42 28.83
N THR C 93 9.62 12.23 27.53
CA THR C 93 10.27 13.07 26.55
C THR C 93 9.22 13.80 25.72
N GLY C 94 9.62 14.96 25.22
CA GLY C 94 8.96 15.60 24.08
C GLY C 94 9.92 15.63 22.92
N HIS C 95 9.42 15.61 21.68
CA HIS C 95 10.32 15.70 20.54
C HIS C 95 9.77 16.54 19.41
N ALA C 96 10.68 16.90 18.51
CA ALA C 96 10.36 17.47 17.21
C ALA C 96 11.08 16.56 16.22
N LEU C 97 10.58 16.50 15.00
CA LEU C 97 11.24 15.81 13.95
C LEU C 97 12.05 16.80 13.08
N SER C 98 13.07 16.29 12.40
CA SER C 98 13.75 17.09 11.41
C SER C 98 12.85 17.33 10.21
N ARG C 99 13.31 18.25 9.35
CA ARG C 99 12.84 18.33 7.99
C ARG C 99 12.96 16.95 7.35
N PRO C 100 12.22 16.70 6.27
CA PRO C 100 12.32 15.39 5.63
C PRO C 100 13.68 15.08 4.95
N PHE C 101 14.12 13.83 5.11
CA PHE C 101 15.25 13.27 4.40
C PHE C 101 14.71 12.10 3.57
N ASN C 102 14.90 12.17 2.25
CA ASN C 102 14.58 11.09 1.34
C ASN C 102 15.68 10.93 0.34
N GLY C 103 15.80 9.71 -0.17
CA GLY C 103 16.85 9.43 -1.14
C GLY C 103 16.93 7.96 -1.50
N THR C 104 17.84 7.68 -2.42
CA THR C 104 18.11 6.34 -2.88
C THR C 104 19.49 5.95 -2.31
N ALA C 105 20.28 5.18 -3.06
CA ALA C 105 21.70 4.96 -2.73
C ALA C 105 22.59 6.07 -3.30
N GLU C 106 22.05 6.94 -4.15
CA GLU C 106 22.80 8.00 -4.82
C GLU C 106 22.25 9.37 -4.46
N THR C 107 23.08 10.31 -4.04
CA THR C 107 22.61 11.68 -3.76
C THR C 107 22.12 12.37 -5.03
N GLN C 108 20.96 13.00 -4.93
CA GLN C 108 20.39 13.79 -6.02
C GLN C 108 20.05 15.15 -5.51
N ASP C 109 20.46 16.15 -6.27
CA ASP C 109 20.12 17.53 -5.94
C ASP C 109 19.05 18.03 -6.93
N LEU C 110 17.86 18.20 -6.40
CA LEU C 110 16.69 18.60 -7.19
C LEU C 110 16.60 20.14 -7.19
N GLY C 111 17.50 20.77 -7.95
CA GLY C 111 17.49 22.24 -8.05
C GLY C 111 17.63 22.97 -6.73
N GLY C 112 18.39 22.38 -5.82
CA GLY C 112 18.62 22.96 -4.51
C GLY C 112 17.97 22.22 -3.38
N TYR C 113 17.01 21.35 -3.69
CA TYR C 113 16.39 20.48 -2.70
C TYR C 113 17.19 19.17 -2.71
N LYS C 114 18.02 18.99 -1.69
CA LYS C 114 18.93 17.84 -1.63
C LYS C 114 18.28 16.57 -1.07
N CYS C 115 18.44 15.48 -1.82
CA CYS C 115 17.97 14.16 -1.44
C CYS C 115 19.16 13.24 -1.38
N LEU C 116 19.69 13.13 -0.16
CA LEU C 116 20.96 12.45 0.12
C LEU C 116 20.83 10.95 -0.12
N GLY C 117 21.84 10.34 -0.73
CA GLY C 117 21.94 8.88 -0.75
C GLY C 117 22.08 8.41 0.69
N ILE C 118 21.77 7.15 0.96
CA ILE C 118 21.70 6.67 2.35
C ILE C 118 23.05 6.82 3.09
N LEU C 119 24.18 6.57 2.43
CA LEU C 119 25.48 6.74 3.10
C LEU C 119 25.76 8.21 3.44
N ASP C 120 25.48 9.09 2.49
CA ASP C 120 25.66 10.52 2.70
C ASP C 120 24.71 11.05 3.77
N PHE C 121 23.53 10.45 3.86
CA PHE C 121 22.59 10.82 4.94
C PHE C 121 23.14 10.43 6.31
N LEU C 122 23.58 9.18 6.46
CA LEU C 122 24.14 8.75 7.75
C LEU C 122 25.37 9.57 8.13
N THR C 123 26.21 9.88 7.14
CA THR C 123 27.35 10.74 7.31
C THR C 123 26.98 12.18 7.68
N TYR C 124 25.96 12.72 7.04
CA TYR C 124 25.45 14.05 7.42
C TYR C 124 25.03 14.05 8.91
N ALA C 125 24.27 13.03 9.30
CA ALA C 125 23.84 12.87 10.69
C ALA C 125 25.03 12.80 11.66
N ARG C 126 26.07 12.07 11.26
CA ARG C 126 27.27 11.89 12.09
C ARG C 126 28.02 13.20 12.35
N GLY C 127 27.82 14.21 11.52
CA GLY C 127 28.48 15.50 11.67
C GLY C 127 27.81 16.38 12.71
N LYS C 128 26.63 15.96 13.20
CA LYS C 128 25.94 16.70 14.26
C LYS C 128 26.44 16.27 15.64
N PRO C 129 26.13 17.06 16.68
CA PRO C 129 26.45 16.60 18.03
C PRO C 129 25.85 15.23 18.32
N LEU C 130 26.68 14.30 18.79
CA LEU C 130 26.25 12.91 18.97
C LEU C 130 25.74 12.61 20.38
N PRO C 131 24.86 11.59 20.53
CA PRO C 131 24.29 10.75 19.48
C PRO C 131 23.15 11.42 18.74
N VAL C 132 22.89 10.93 17.53
CA VAL C 132 21.80 11.36 16.74
C VAL C 132 20.81 10.18 16.61
N TYR C 133 19.53 10.50 16.74
CA TYR C 133 18.45 9.50 16.79
C TYR C 133 17.65 9.65 15.50
N ILE C 134 17.30 8.54 14.86
CA ILE C 134 16.76 8.57 13.53
C ILE C 134 15.69 7.48 13.40
N ILE C 135 14.56 7.87 12.81
CA ILE C 135 13.52 6.98 12.34
C ILE C 135 13.70 6.88 10.83
N VAL C 136 13.83 5.65 10.35
CA VAL C 136 14.07 5.40 8.93
C VAL C 136 13.15 4.27 8.47
N THR C 137 12.42 4.55 7.42
CA THR C 137 11.58 3.53 6.78
C THR C 137 12.16 3.18 5.40
N VAL C 138 12.15 1.89 5.10
CA VAL C 138 12.55 1.35 3.80
C VAL C 138 11.49 0.29 3.52
N GLY C 139 10.81 0.45 2.39
CA GLY C 139 9.65 -0.39 2.07
C GLY C 139 8.54 0.01 3.01
N VAL C 140 8.04 -0.96 3.79
CA VAL C 140 7.06 -0.69 4.88
C VAL C 140 7.70 -0.85 6.26
N PHE C 141 9.01 -1.13 6.31
CA PHE C 141 9.66 -1.47 7.57
C PHE C 141 10.39 -0.29 8.14
N THR C 142 10.02 0.06 9.37
CA THR C 142 10.63 1.12 10.07
C THR C 142 11.65 0.54 11.07
N ARG C 143 12.80 1.22 11.13
CA ARG C 143 13.87 0.95 12.06
C ARG C 143 14.27 2.20 12.82
N GLY C 144 14.76 1.98 14.03
CA GLY C 144 15.32 3.04 14.86
C GLY C 144 16.82 2.99 14.67
N VAL C 145 17.46 4.12 14.37
CA VAL C 145 18.90 4.16 14.21
C VAL C 145 19.51 5.18 15.13
N ILE C 146 20.51 4.79 15.87
CA ILE C 146 21.25 5.75 16.70
C ILE C 146 22.69 5.82 16.22
N VAL C 147 23.08 6.98 15.71
CA VAL C 147 24.48 7.23 15.32
C VAL C 147 25.24 7.76 16.53
N ALA C 148 26.17 6.94 17.05
CA ALA C 148 26.97 7.26 18.23
C ALA C 148 28.41 7.36 17.83
N ARG C 149 29.26 7.74 18.77
CA ARG C 149 30.68 7.89 18.51
C ARG C 149 31.36 6.63 17.99
N GLY C 150 31.12 5.52 18.67
CA GLY C 150 31.85 4.28 18.38
C GLY C 150 31.13 3.32 17.44
N ALA C 151 29.83 3.50 17.29
CA ALA C 151 29.01 2.54 16.59
C ALA C 151 27.68 3.16 16.16
N THR C 152 27.02 2.48 15.24
CA THR C 152 25.68 2.84 14.83
C THR C 152 24.75 1.71 15.27
N TYR C 153 23.69 2.05 15.98
CA TYR C 153 22.81 1.02 16.52
C TYR C 153 21.56 1.01 15.65
N VAL C 154 21.23 -0.15 15.09
CA VAL C 154 20.02 -0.31 14.29
C VAL C 154 19.02 -1.21 15.04
N PHE C 155 17.92 -0.64 15.51
CA PHE C 155 16.85 -1.40 16.15
C PHE C 155 15.83 -1.82 15.11
N ASP C 156 15.65 -3.12 14.99
CA ASP C 156 14.67 -3.64 14.08
C ASP C 156 13.66 -4.47 14.83
N PRO C 157 12.41 -3.98 14.92
CA PRO C 157 11.39 -4.74 15.69
C PRO C 157 10.83 -5.98 15.00
N HIS C 158 11.23 -6.22 13.73
CA HIS C 158 10.81 -7.36 12.96
C HIS C 158 11.92 -8.42 12.74
N THR C 159 11.45 -9.62 12.45
CA THR C 159 12.27 -10.79 12.17
C THR C 159 13.23 -10.53 11.00
N THR C 160 14.49 -10.95 11.13
CA THR C 160 15.44 -10.94 10.03
C THR C 160 16.04 -12.36 9.93
N ASP C 161 16.90 -12.60 8.94
CA ASP C 161 17.58 -13.90 8.84
C ASP C 161 18.52 -14.13 10.01
N LEU C 162 18.94 -13.05 10.68
CA LEU C 162 19.89 -13.18 11.77
C LEU C 162 19.23 -13.32 13.13
N SER C 163 17.98 -12.90 13.23
CA SER C 163 17.24 -12.93 14.51
C SER C 163 15.74 -13.14 14.30
N ALA C 164 15.17 -14.17 14.91
CA ALA C 164 13.71 -14.35 14.95
C ALA C 164 13.03 -13.22 15.76
N GLU C 165 13.72 -12.71 16.76
CA GLU C 165 13.20 -11.68 17.65
C GLU C 165 13.56 -10.26 17.20
N ALA C 166 12.84 -9.27 17.73
CA ALA C 166 13.28 -7.88 17.61
C ALA C 166 14.70 -7.83 18.14
N ALA C 167 15.53 -6.99 17.55
CA ALA C 167 16.94 -6.95 17.86
C ALA C 167 17.60 -5.59 17.58
N VAL C 168 18.63 -5.29 18.38
CA VAL C 168 19.58 -4.22 18.04
C VAL C 168 20.81 -4.82 17.38
N TYR C 169 21.11 -4.30 16.20
CA TYR C 169 22.30 -4.66 15.45
C TYR C 169 23.34 -3.57 15.68
N VAL C 170 24.44 -3.95 16.30
CA VAL C 170 25.48 -2.99 16.66
C VAL C 170 26.50 -2.94 15.53
N CYS C 171 26.51 -1.85 14.77
CA CYS C 171 27.28 -1.77 13.51
C CYS C 171 28.55 -0.95 13.67
N ASP C 172 29.69 -1.55 13.30
CA ASP C 172 30.98 -0.92 13.44
C ASP C 172 31.21 0.17 12.40
N ASP C 173 30.42 0.18 11.33
CA ASP C 173 30.58 1.17 10.28
C ASP C 173 29.27 1.29 9.50
N PHE C 174 29.19 2.27 8.63
CA PHE C 174 27.94 2.53 7.90
C PHE C 174 27.60 1.44 6.86
N THR C 175 28.61 0.73 6.36
CA THR C 175 28.36 -0.43 5.50
C THR C 175 27.47 -1.46 6.19
N GLU C 176 27.80 -1.77 7.44
CA GLU C 176 27.02 -2.72 8.22
C GLU C 176 25.61 -2.16 8.51
N ALA C 177 25.52 -0.86 8.82
CA ALA C 177 24.23 -0.21 9.09
C ALA C 177 23.30 -0.26 7.88
N ILE C 178 23.84 0.09 6.71
CA ILE C 178 23.12 0.06 5.43
C ILE C 178 22.68 -1.38 5.11
N SER C 179 23.56 -2.36 5.36
CA SER C 179 23.20 -3.77 5.20
C SER C 179 21.95 -4.12 6.03
N ALA C 180 21.94 -3.68 7.30
CA ALA C 180 20.78 -3.85 8.20
C ALA C 180 19.53 -3.19 7.63
N LEU C 181 19.67 -1.99 7.06
CA LEU C 181 18.53 -1.28 6.49
C LEU C 181 18.06 -1.92 5.18
N SER C 182 18.92 -2.77 4.61
CA SER C 182 18.73 -3.42 3.33
C SER C 182 18.36 -4.89 3.52
N PHE C 183 17.86 -5.26 4.70
CA PHE C 183 17.41 -6.63 4.98
C PHE C 183 18.59 -7.62 4.76
N PHE C 184 19.81 -7.13 5.03
CA PHE C 184 21.08 -7.86 4.90
C PHE C 184 21.32 -8.50 3.52
N THR C 185 20.91 -7.84 2.46
CA THR C 185 21.42 -8.17 1.12
C THR C 185 21.91 -6.86 0.49
N GLU C 186 21.79 -6.75 -0.83
CA GLU C 186 22.22 -5.56 -1.56
C GLU C 186 21.08 -5.30 -2.53
N ILE C 188 20.72 -1.98 -4.28
CA ILE C 188 21.05 -0.62 -4.71
C ILE C 188 19.94 -0.08 -5.59
N GLY C 189 19.62 -0.84 -6.65
CA GLY C 189 18.65 -0.40 -7.66
C GLY C 189 17.30 -0.03 -7.09
N ASP C 190 16.85 -0.74 -6.06
CA ASP C 190 15.52 -0.52 -5.51
C ASP C 190 15.52 0.25 -4.22
N PHE C 191 16.70 0.63 -3.74
CA PHE C 191 16.76 1.25 -2.42
C PHE C 191 16.14 2.64 -2.44
N TYR C 192 15.21 2.86 -1.53
CA TYR C 192 14.58 4.14 -1.28
C TYR C 192 14.24 4.25 0.19
N TYR C 193 14.57 5.38 0.80
CA TYR C 193 14.29 5.56 2.23
C TYR C 193 13.54 6.85 2.52
N ASP C 194 12.89 6.87 3.68
CA ASP C 194 12.19 8.08 4.20
C ASP C 194 12.57 8.14 5.67
N ALA C 195 13.30 9.19 6.05
CA ALA C 195 13.90 9.32 7.37
C ALA C 195 13.67 10.68 8.02
N VAL C 196 13.58 10.69 9.34
CA VAL C 196 13.61 11.94 10.13
C VAL C 196 14.59 11.77 11.29
N LEU C 197 15.33 12.84 11.60
CA LEU C 197 16.03 12.90 12.88
C LEU C 197 14.98 13.22 13.94
N VAL C 198 15.23 12.77 15.15
CA VAL C 198 14.34 12.98 16.27
C VAL C 198 15.12 13.74 17.32
N TYR C 199 14.60 14.90 17.67
CA TYR C 199 15.19 15.83 18.64
C TYR C 199 14.37 15.74 19.93
N PHE C 200 14.92 15.04 20.93
CA PHE C 200 14.26 14.86 22.22
C PHE C 200 14.66 15.89 23.27
N THR C 201 13.76 16.11 24.20
CA THR C 201 14.04 16.89 25.36
C THR C 201 13.30 16.23 26.54
N ARG C 202 13.91 16.25 27.70
CA ARG C 202 13.32 15.74 28.90
C ARG C 202 12.29 16.77 29.37
N CYS C 203 11.11 16.29 29.75
CA CYS C 203 10.03 17.13 30.23
C CYS C 203 9.62 16.74 31.65
N ARG C 204 9.47 17.71 32.54
CA ARG C 204 9.04 17.39 33.90
C ARG C 204 7.62 16.90 33.94
N THR C 205 6.77 17.46 33.09
CA THR C 205 5.39 17.01 32.97
C THR C 205 4.97 17.01 31.52
N THR C 206 3.93 16.25 31.22
CA THR C 206 3.41 16.17 29.88
C THR C 206 2.51 17.37 29.54
N LEU C 207 2.30 18.29 30.50
CA LEU C 207 1.36 19.38 30.28
C LEU C 207 2.15 20.58 29.74
N ILE C 208 2.55 20.44 28.49
CA ILE C 208 3.34 21.42 27.74
C ILE C 208 2.60 21.59 26.39
N SER C 209 2.35 22.82 25.95
CA SER C 209 1.69 23.05 24.65
C SER C 209 2.65 22.74 23.51
N PRO C 210 2.13 22.50 22.30
CA PRO C 210 2.99 22.30 21.11
C PRO C 210 4.02 23.42 20.91
N SER C 211 3.60 24.68 21.00
CA SER C 211 4.51 25.79 20.83
C SER C 211 5.59 25.87 21.92
N GLU C 212 5.23 25.65 23.18
CA GLU C 212 6.28 25.68 24.21
C GLU C 212 7.26 24.53 24.06
N LEU C 213 6.77 23.36 23.68
CA LEU C 213 7.65 22.20 23.43
C LEU C 213 8.64 22.52 22.31
N LEU C 214 8.14 23.05 21.21
CA LEU C 214 8.99 23.33 20.10
C LEU C 214 10.03 24.41 20.46
N VAL C 215 9.62 25.43 21.22
CA VAL C 215 10.60 26.42 21.68
C VAL C 215 11.65 25.80 22.59
N GLN C 216 11.25 24.91 23.50
CA GLN C 216 12.21 24.21 24.36
C GLN C 216 13.25 23.45 23.57
N ILE C 217 12.79 22.75 22.54
CA ILE C 217 13.68 21.93 21.73
C ILE C 217 14.64 22.79 20.89
N ASP C 219 15.58 25.80 21.57
CA ASP C 219 16.54 26.44 22.49
C ASP C 219 17.70 25.46 22.83
N GLN C 220 17.33 24.20 23.02
CA GLN C 220 18.27 23.17 23.40
C GLN C 220 19.27 22.87 22.30
N TYR C 221 18.80 22.73 21.06
CA TYR C 221 19.62 22.32 19.93
C TYR C 221 20.06 23.42 18.97
N LYS C 222 19.23 24.47 18.84
CA LYS C 222 19.52 25.60 17.93
C LYS C 222 19.88 25.09 16.54
N ASP C 223 19.13 24.10 16.05
CA ASP C 223 19.46 23.33 14.87
C ASP C 223 18.41 23.61 13.80
N PRO C 224 18.79 24.33 12.75
CA PRO C 224 17.82 24.71 11.72
C PRO C 224 17.21 23.56 10.93
N ASP C 225 17.73 22.35 11.10
CA ASP C 225 17.14 21.16 10.48
C ASP C 225 15.86 20.72 11.19
N ILE C 226 15.57 21.27 12.36
CA ILE C 226 14.31 20.98 13.05
C ILE C 226 13.13 21.48 12.21
N ASP C 227 12.09 20.66 12.07
CA ASP C 227 10.85 21.03 11.39
C ASP C 227 9.96 21.77 12.39
N ALA C 228 9.76 23.07 12.17
CA ALA C 228 9.01 23.92 13.08
C ALA C 228 7.59 24.23 12.56
N SER C 229 7.01 23.30 11.80
CA SER C 229 5.74 23.48 11.12
C SER C 229 4.57 23.71 12.06
N VAL C 230 4.68 23.28 13.32
CA VAL C 230 3.66 23.58 14.35
C VAL C 230 3.45 25.09 14.55
N SER C 232 3.15 27.46 12.20
CA SER C 232 2.21 28.07 11.24
C SER C 232 0.83 27.40 11.31
N MET D 1 -2.34 21.99 -20.31
CA MET D 1 -0.86 21.95 -20.59
C MET D 1 -0.23 20.68 -19.99
N GLN D 2 0.91 20.31 -20.55
CA GLN D 2 1.57 19.09 -20.15
C GLN D 2 2.70 19.40 -19.18
N ILE D 3 2.77 18.64 -18.08
CA ILE D 3 3.89 18.69 -17.15
C ILE D 3 4.44 17.27 -16.92
N PHE D 4 5.67 17.21 -16.43
CA PHE D 4 6.36 15.96 -16.16
C PHE D 4 6.58 15.89 -14.66
N VAL D 5 6.28 14.74 -14.08
CA VAL D 5 6.49 14.52 -12.66
C VAL D 5 7.45 13.35 -12.48
N LYS D 6 8.60 13.60 -11.84
CA LYS D 6 9.67 12.61 -11.75
C LYS D 6 9.97 12.22 -10.30
N THR D 7 10.09 10.90 -10.07
CA THR D 7 10.41 10.38 -8.75
C THR D 7 11.90 10.17 -8.57
N LEU D 8 12.34 10.05 -7.32
CA LEU D 8 13.75 9.78 -6.98
C LEU D 8 14.29 8.45 -7.52
N THR D 9 13.39 7.46 -7.62
CA THR D 9 13.72 6.14 -8.19
C THR D 9 13.67 6.06 -9.70
N GLY D 10 13.36 7.19 -10.35
CA GLY D 10 13.62 7.38 -11.77
C GLY D 10 12.42 7.18 -12.68
N LYS D 11 11.22 7.23 -12.11
CA LYS D 11 10.02 7.12 -12.92
C LYS D 11 9.57 8.52 -13.33
N THR D 12 9.26 8.72 -14.61
CA THR D 12 8.76 10.01 -15.07
C THR D 12 7.37 9.80 -15.61
N ILE D 13 6.42 10.56 -15.06
CA ILE D 13 5.07 10.51 -15.58
C ILE D 13 4.67 11.86 -16.18
N THR D 14 3.65 11.83 -17.02
CA THR D 14 3.13 13.00 -17.70
C THR D 14 1.73 13.26 -17.16
N LEU D 15 1.42 14.52 -16.86
CA LEU D 15 0.10 14.90 -16.38
C LEU D 15 -0.47 16.02 -17.27
N GLU D 16 -1.80 16.07 -17.38
CA GLU D 16 -2.46 17.18 -18.06
C GLU D 16 -3.03 18.07 -16.98
N VAL D 17 -2.54 19.31 -16.94
CA VAL D 17 -2.88 20.25 -15.88
C VAL D 17 -3.21 21.60 -16.47
N GLU D 18 -3.78 22.48 -15.65
CA GLU D 18 -3.95 23.88 -16.02
C GLU D 18 -3.24 24.77 -15.01
N PRO D 19 -2.74 25.93 -15.45
CA PRO D 19 -2.00 26.81 -14.51
C PRO D 19 -2.78 27.17 -13.26
N SER D 20 -4.11 27.24 -13.37
CA SER D 20 -4.94 27.62 -12.24
C SER D 20 -5.24 26.46 -11.30
N ASP D 21 -4.75 25.25 -11.60
CA ASP D 21 -4.94 24.10 -10.69
C ASP D 21 -4.14 24.27 -9.40
N THR D 22 -4.74 23.90 -8.29
CA THR D 22 -4.03 23.91 -7.01
C THR D 22 -3.09 22.72 -6.93
N ILE D 23 -2.09 22.84 -6.08
CA ILE D 23 -1.20 21.75 -5.80
C ILE D 23 -1.98 20.55 -5.29
N GLU D 24 -2.98 20.76 -4.43
CA GLU D 24 -3.86 19.67 -4.00
C GLU D 24 -4.52 18.93 -5.17
N ASN D 25 -4.97 19.69 -6.16
CA ASN D 25 -5.58 19.09 -7.36
C ASN D 25 -4.54 18.28 -8.14
N VAL D 26 -3.33 18.80 -8.27
CA VAL D 26 -2.26 18.03 -8.95
C VAL D 26 -2.01 16.72 -8.20
N LYS D 27 -1.99 16.75 -6.88
CA LYS D 27 -1.75 15.49 -6.14
C LYS D 27 -2.91 14.49 -6.30
N ALA D 28 -4.14 14.99 -6.41
CA ALA D 28 -5.30 14.14 -6.73
C ALA D 28 -5.17 13.52 -8.12
N LYS D 29 -4.63 14.27 -9.07
CA LYS D 29 -4.37 13.72 -10.40
C LYS D 29 -3.32 12.62 -10.38
N ILE D 30 -2.26 12.80 -9.57
CA ILE D 30 -1.25 11.76 -9.40
C ILE D 30 -1.86 10.51 -8.78
N GLN D 31 -2.77 10.69 -7.82
CA GLN D 31 -3.46 9.56 -7.23
C GLN D 31 -4.33 8.82 -8.30
N ASP D 32 -5.04 9.59 -9.11
CA ASP D 32 -5.91 9.04 -10.17
C ASP D 32 -5.11 8.19 -11.17
N LYS D 33 -3.86 8.60 -11.44
CA LYS D 33 -3.00 7.91 -12.43
C LYS D 33 -2.11 6.80 -11.85
N GLU D 34 -1.53 7.07 -10.66
CA GLU D 34 -0.47 6.26 -10.05
C GLU D 34 -0.87 5.55 -8.77
N GLY D 35 -1.99 5.93 -8.18
CA GLY D 35 -2.50 5.28 -6.99
C GLY D 35 -1.90 5.75 -5.68
N ILE D 36 -1.07 6.77 -5.72
CA ILE D 36 -0.35 7.29 -4.54
C ILE D 36 -1.23 8.27 -3.78
N PRO D 37 -1.56 7.95 -2.51
CA PRO D 37 -2.38 8.89 -1.72
C PRO D 37 -1.72 10.28 -1.62
N PRO D 38 -2.50 11.38 -1.79
CA PRO D 38 -1.91 12.74 -1.68
C PRO D 38 -1.09 13.02 -0.45
N ASP D 39 -1.47 12.45 0.69
CA ASP D 39 -0.71 12.70 1.95
C ASP D 39 0.70 12.07 1.96
N GLN D 40 1.01 11.23 0.97
CA GLN D 40 2.36 10.67 0.82
C GLN D 40 3.16 11.37 -0.23
N GLN D 41 2.59 12.44 -0.82
CA GLN D 41 3.25 13.11 -1.92
C GLN D 41 3.87 14.43 -1.46
N ARG D 42 5.13 14.61 -1.76
CA ARG D 42 5.77 15.93 -1.65
C ARG D 42 6.14 16.36 -3.05
N LEU D 43 5.59 17.48 -3.53
CA LEU D 43 5.89 17.97 -4.87
C LEU D 43 6.95 19.08 -4.75
N ILE D 44 8.00 18.98 -5.55
CA ILE D 44 9.16 19.88 -5.50
C ILE D 44 9.32 20.61 -6.85
N PHE D 45 9.48 21.94 -6.79
CA PHE D 45 9.78 22.75 -7.96
C PHE D 45 10.64 23.94 -7.53
N ALA D 46 11.63 24.26 -8.35
CA ALA D 46 12.59 25.33 -8.05
C ALA D 46 13.22 25.20 -6.67
N GLY D 47 13.52 23.94 -6.31
CA GLY D 47 14.19 23.61 -5.06
C GLY D 47 13.37 23.72 -3.79
N LYS D 48 12.04 23.80 -3.93
CA LYS D 48 11.14 24.08 -2.80
C LYS D 48 9.98 23.12 -2.82
N GLN D 49 9.52 22.70 -1.65
CA GLN D 49 8.26 21.95 -1.55
C GLN D 49 7.08 22.89 -1.82
N LEU D 50 6.17 22.44 -2.66
CA LEU D 50 4.97 23.20 -3.04
C LEU D 50 3.84 22.96 -2.03
N GLU D 51 3.07 24.01 -1.74
CA GLU D 51 2.00 23.95 -0.73
C GLU D 51 0.62 23.77 -1.37
N ASP D 52 -0.20 22.93 -0.73
CA ASP D 52 -1.49 22.47 -1.30
C ASP D 52 -2.47 23.51 -1.83
N GLY D 53 -2.63 24.60 -1.08
CA GLY D 53 -3.56 25.66 -1.45
C GLY D 53 -3.05 26.65 -2.48
N ARG D 54 -1.77 26.54 -2.84
CA ARG D 54 -1.20 27.38 -3.87
C ARG D 54 -1.46 26.73 -5.22
N THR D 55 -1.27 27.50 -6.30
CA THR D 55 -1.48 26.99 -7.65
C THR D 55 -0.19 26.87 -8.42
N LEU D 56 -0.26 26.17 -9.53
CA LEU D 56 0.86 26.02 -10.42
C LEU D 56 1.33 27.40 -10.87
N SER D 57 0.39 28.27 -11.20
CA SER D 57 0.74 29.64 -11.65
C SER D 57 1.41 30.48 -10.55
N ASP D 58 0.96 30.33 -9.30
CA ASP D 58 1.65 30.95 -8.13
C ASP D 58 3.15 30.71 -8.14
N TYR D 59 3.56 29.54 -8.63
CA TYR D 59 4.98 29.13 -8.68
C TYR D 59 5.64 29.28 -10.06
N ASN D 60 4.96 29.92 -11.00
CA ASN D 60 5.43 30.07 -12.39
C ASN D 60 5.79 28.76 -13.06
N ILE D 61 5.02 27.73 -12.76
CA ILE D 61 5.15 26.45 -13.42
C ILE D 61 4.38 26.51 -14.73
N GLN D 62 5.12 26.32 -15.81
CA GLN D 62 4.61 26.53 -17.15
C GLN D 62 4.62 25.23 -17.93
N LYS D 63 4.07 25.29 -19.15
CA LYS D 63 4.01 24.12 -20.03
C LYS D 63 5.37 23.40 -20.07
N GLU D 64 5.33 22.07 -20.01
CA GLU D 64 6.52 21.21 -20.16
C GLU D 64 7.51 21.32 -19.00
N SER D 65 7.10 21.93 -17.88
CA SER D 65 7.93 21.96 -16.68
C SER D 65 8.02 20.57 -16.10
N THR D 66 9.09 20.34 -15.34
CA THR D 66 9.22 19.12 -14.54
C THR D 66 9.06 19.44 -13.07
N LEU D 67 8.21 18.67 -12.40
CA LEU D 67 8.09 18.68 -10.94
C LEU D 67 8.71 17.39 -10.42
N HIS D 68 9.31 17.45 -9.24
CA HIS D 68 9.79 16.22 -8.63
C HIS D 68 8.78 15.77 -7.58
N LEU D 69 8.57 14.47 -7.55
CA LEU D 69 7.71 13.83 -6.57
C LEU D 69 8.53 12.97 -5.60
N VAL D 70 8.65 13.45 -4.38
CA VAL D 70 9.30 12.77 -3.28
C VAL D 70 8.20 12.11 -2.44
N LEU D 71 8.40 10.82 -2.15
CA LEU D 71 7.39 10.02 -1.48
C LEU D 71 7.67 9.76 0.00
N ARG D 72 6.64 9.97 0.81
CA ARG D 72 6.64 9.60 2.20
C ARG D 72 6.25 8.12 2.24
N LEU D 73 6.89 7.38 3.12
CA LEU D 73 6.57 5.97 3.34
C LEU D 73 5.83 5.71 4.66
N ARG D 74 4.69 5.06 4.61
CA ARG D 74 3.99 4.64 5.81
C ARG D 74 4.68 3.39 6.33
N GLY D 75 5.01 3.37 7.62
CA GLY D 75 5.71 2.25 8.18
C GLY D 75 4.88 1.45 9.18
#